data_5XHA
#
_entry.id   5XHA
#
_cell.length_a   108.357
_cell.length_b   108.357
_cell.length_c   152.852
_cell.angle_alpha   90.00
_cell.angle_beta   90.00
_cell.angle_gamma   120.00
#
_symmetry.space_group_name_H-M   'P 31 2 1'
#
loop_
_entity.id
_entity.type
_entity.pdbx_description
1 polymer 'Extracellular invertase'
2 branched beta-D-fructofuranose-(2-1)-beta-D-fructofuranose
3 non-polymer 'SODIUM ION'
4 non-polymer beta-D-fructofuranose
5 water water
#
_entity_poly.entity_id   1
_entity_poly.type   'polypeptide(L)'
_entity_poly.pdbx_seq_one_letter_code
;MSVVIDYNVAPPNLSTLPNGSLFETWRPRAHVLPPNGQIGDPCLHYTDPATGLFHVGFLHDGSGISSATTDDLATYQDLN
QGNQVIVPGGINDPVAVFDGSVIPNGINGLPTLLYTSVSYLPIHWSIPYTRGSETQSLAVSSDGGSNFTKLDQGPVIPGP
PFAYNVTAFRDPYVFQNPTLDSLLHSKNNTWYTVISGGLHEKGPAQFLYRQYDSDFQYWEYLGQWWHEPTNSTWGNGTWA
GRWAFNFETGNVFSLDEYGYNPHGQIFTTIGTEGSDLPVVPQLTSIHDMLWVSGTVSRNGSVSFNPNMAGFLDWGFSSYA
AAGKVLPSTSLPSTKSGAPDRFISYVWLSGDLFEQAEGFPTNQQNWTGTLLLPRELRVLYIPNVVDNALARESGASWQVV
SSDGSAGTVELQTLGISIARETKAALLSGTSFTESGRTLNSSGVVPFKRSPSEKFFVLSAQLSFPASARGSGLKSGFQIL
SSEHESTTVYYQFSNESIIVDRSNTSAAARTTDGIDSSAEAGKLRLFDVLNGGEQAIETLDLTLVVDNSVLEVYANGRFA
LSTWVRSWYANSTNISFFHNGVGGVAFSKVTVSEGLYDAWPDRQY
;
_entity_poly.pdbx_strand_id   A
#
# COMPACT_ATOMS: atom_id res chain seq x y z
N MET A 1 7.20 30.95 -27.56
CA MET A 1 7.99 31.13 -26.31
C MET A 1 7.74 29.94 -25.37
N SER A 2 6.58 29.86 -24.72
CA SER A 2 6.29 28.82 -23.71
C SER A 2 4.92 28.96 -23.03
N VAL A 3 4.45 27.87 -22.43
CA VAL A 3 3.20 27.87 -21.65
C VAL A 3 3.52 28.41 -20.25
N VAL A 4 2.71 29.38 -19.80
CA VAL A 4 3.05 30.23 -18.66
C VAL A 4 2.29 29.87 -17.39
N ILE A 5 2.84 29.01 -16.51
CA ILE A 5 2.13 28.69 -15.26
C ILE A 5 2.72 29.44 -14.07
N ASP A 6 1.93 30.34 -13.51
CA ASP A 6 2.34 31.14 -12.37
C ASP A 6 1.42 30.77 -11.21
N TYR A 7 1.98 30.09 -10.21
CA TYR A 7 1.21 29.54 -9.10
C TYR A 7 0.86 30.59 -8.05
N ASN A 8 1.16 31.86 -8.31
CA ASN A 8 0.59 32.95 -7.52
C ASN A 8 -0.70 33.51 -8.09
N VAL A 9 -0.99 33.17 -9.34
CA VAL A 9 -2.21 33.60 -10.01
C VAL A 9 -3.25 32.48 -9.98
N ALA A 10 -4.52 32.85 -9.90
CA ALA A 10 -5.62 31.89 -9.82
C ALA A 10 -5.63 30.90 -10.99
N PRO A 11 -6.06 29.65 -10.73
CA PRO A 11 -6.04 28.64 -11.78
C PRO A 11 -7.18 28.84 -12.77
N PRO A 12 -6.97 28.44 -14.04
CA PRO A 12 -8.07 28.36 -14.99
C PRO A 12 -8.85 27.09 -14.74
N ASN A 13 -9.81 26.80 -15.62
CA ASN A 13 -10.32 25.45 -15.74
C ASN A 13 -9.16 24.70 -16.32
N LEU A 14 -8.58 23.78 -15.56
CA LEU A 14 -7.31 23.16 -15.94
C LEU A 14 -7.40 22.33 -17.21
N SER A 15 -8.61 21.87 -17.52
CA SER A 15 -8.86 21.13 -18.76
C SER A 15 -8.64 21.94 -20.02
N THR A 16 -8.55 23.28 -19.92
CA THR A 16 -8.34 24.12 -21.10
C THR A 16 -6.88 24.32 -21.46
N LEU A 17 -5.97 23.90 -20.60
CA LEU A 17 -4.55 24.16 -20.80
C LEU A 17 -3.95 23.19 -21.81
N PRO A 18 -2.76 23.50 -22.32
CA PRO A 18 -2.11 22.58 -23.25
C PRO A 18 -1.67 21.25 -22.61
N ASN A 19 -1.55 20.23 -23.45
CA ASN A 19 -1.09 18.93 -22.98
C ASN A 19 0.31 19.01 -22.41
N GLY A 20 0.54 18.35 -21.29
CA GLY A 20 1.86 18.34 -20.66
C GLY A 20 2.17 19.55 -19.80
N SER A 21 1.32 20.58 -19.83
CA SER A 21 1.63 21.85 -19.18
C SER A 21 1.61 21.75 -17.66
N LEU A 22 0.89 20.77 -17.12
CA LEU A 22 0.83 20.55 -15.68
C LEU A 22 1.60 19.32 -15.26
N PHE A 23 2.63 18.95 -16.04
CA PHE A 23 3.42 17.77 -15.75
C PHE A 23 4.06 17.82 -14.36
N GLU A 24 4.64 18.97 -14.01
CA GLU A 24 5.33 19.11 -12.71
C GLU A 24 4.43 19.56 -11.55
N THR A 25 3.24 20.05 -11.87
CA THR A 25 2.40 20.73 -10.88
C THR A 25 2.24 19.96 -9.57
N TRP A 26 1.92 18.68 -9.68
CA TRP A 26 1.55 17.88 -8.50
C TRP A 26 2.49 16.67 -8.37
N ARG A 27 3.54 16.65 -9.17
CA ARG A 27 4.39 15.49 -9.32
C ARG A 27 5.33 15.31 -8.13
N PRO A 28 5.35 14.08 -7.57
CA PRO A 28 6.25 13.83 -6.45
C PRO A 28 7.70 13.73 -6.92
N ARG A 29 8.65 13.91 -6.00
CA ARG A 29 10.07 13.71 -6.31
C ARG A 29 10.69 12.48 -5.66
N ALA A 30 10.05 11.94 -4.62
CA ALA A 30 10.64 10.84 -3.85
C ALA A 30 9.82 9.53 -3.88
N HIS A 31 8.98 9.38 -4.89
CA HIS A 31 8.10 8.22 -5.05
C HIS A 31 8.40 7.45 -6.36
N VAL A 32 8.07 6.16 -6.39
CA VAL A 32 8.18 5.38 -7.63
C VAL A 32 6.98 5.62 -8.53
N LEU A 33 7.25 6.14 -9.72
CA LEU A 33 6.28 6.29 -10.78
C LEU A 33 7.05 6.36 -12.11
N PRO A 34 6.39 6.04 -13.24
CA PRO A 34 7.11 6.03 -14.50
C PRO A 34 7.50 7.45 -14.99
N PRO A 35 8.31 7.53 -16.06
CA PRO A 35 8.73 8.87 -16.53
C PRO A 35 7.55 9.73 -16.93
N ASN A 36 6.48 9.09 -17.38
CA ASN A 36 5.24 9.78 -17.70
C ASN A 36 4.13 8.75 -17.81
N GLY A 37 2.90 9.21 -18.01
CA GLY A 37 1.77 8.33 -18.23
C GLY A 37 1.27 7.63 -16.99
N GLN A 38 0.55 6.53 -17.21
CA GLN A 38 -0.24 5.93 -16.15
C GLN A 38 0.51 4.78 -15.52
N ILE A 39 0.40 4.69 -14.20
CA ILE A 39 0.88 3.55 -13.43
C ILE A 39 -0.29 2.81 -12.81
N GLY A 40 -0.26 1.49 -12.95
CA GLY A 40 -1.23 0.60 -12.32
C GLY A 40 -0.61 -0.20 -11.19
N ASP A 41 -1.13 -1.40 -10.97
CA ASP A 41 -0.66 -2.29 -9.90
C ASP A 41 0.85 -2.46 -9.94
N PRO A 42 1.52 -2.37 -8.79
CA PRO A 42 2.87 -2.87 -8.78
C PRO A 42 2.85 -4.41 -8.89
N CYS A 43 3.95 -4.98 -9.33
CA CYS A 43 4.12 -6.42 -9.41
C CYS A 43 5.55 -6.68 -9.89
N LEU A 44 5.90 -7.96 -10.10
CA LEU A 44 7.15 -8.36 -10.78
C LEU A 44 8.46 -8.11 -9.97
N HIS A 45 8.36 -7.57 -8.75
CA HIS A 45 9.55 -7.21 -7.99
C HIS A 45 10.45 -8.43 -7.78
N TYR A 46 11.77 -8.26 -7.89
CA TYR A 46 12.68 -9.33 -7.44
C TYR A 46 14.08 -8.83 -7.14
N THR A 47 14.76 -9.55 -6.27
CA THR A 47 16.19 -9.36 -6.09
C THR A 47 16.93 -10.26 -7.07
N ASP A 48 17.74 -9.67 -7.94
CA ASP A 48 18.57 -10.43 -8.87
C ASP A 48 19.74 -11.04 -8.11
N PRO A 49 19.79 -12.38 -8.00
CA PRO A 49 20.83 -13.03 -7.20
C PRO A 49 22.26 -12.77 -7.69
N ALA A 50 22.46 -12.66 -9.00
CA ALA A 50 23.78 -12.37 -9.57
C ALA A 50 24.32 -10.99 -9.21
N THR A 51 23.46 -9.98 -9.11
CA THR A 51 23.90 -8.60 -8.87
C THR A 51 23.52 -8.03 -7.49
N GLY A 52 22.60 -8.65 -6.76
CA GLY A 52 22.04 -8.01 -5.58
C GLY A 52 21.14 -6.81 -5.80
N LEU A 53 20.91 -6.39 -7.05
CA LEU A 53 20.00 -5.28 -7.35
C LEU A 53 18.54 -5.68 -7.09
N PHE A 54 17.76 -4.78 -6.51
CA PHE A 54 16.33 -4.97 -6.33
C PHE A 54 15.56 -4.33 -7.49
N HIS A 55 14.77 -5.17 -8.16
CA HIS A 55 13.93 -4.73 -9.27
C HIS A 55 12.51 -4.50 -8.78
N VAL A 56 11.91 -3.39 -9.19
CA VAL A 56 10.52 -3.11 -8.95
C VAL A 56 9.77 -3.10 -10.30
N GLY A 57 8.51 -3.52 -10.28
CA GLY A 57 7.70 -3.53 -11.48
C GLY A 57 6.35 -2.91 -11.20
N PHE A 58 5.68 -2.51 -12.27
CA PHE A 58 4.33 -2.00 -12.18
C PHE A 58 3.68 -2.04 -13.57
N LEU A 59 2.36 -2.24 -13.59
CA LEU A 59 1.60 -2.07 -14.82
C LEU A 59 1.75 -0.60 -15.28
N HIS A 60 1.83 -0.40 -16.60
CA HIS A 60 2.09 0.93 -17.17
C HIS A 60 1.25 1.14 -18.43
N ASP A 61 0.43 2.19 -18.40
CA ASP A 61 -0.43 2.59 -19.53
C ASP A 61 -1.36 1.51 -20.01
N GLY A 62 -1.73 0.58 -19.13
CA GLY A 62 -2.61 -0.54 -19.49
C GLY A 62 -2.04 -1.39 -20.61
N SER A 63 -0.72 -1.43 -20.77
CA SER A 63 -0.10 -2.24 -21.82
C SER A 63 1.14 -2.96 -21.33
N GLY A 64 0.99 -3.78 -20.31
CA GLY A 64 2.09 -4.58 -19.81
C GLY A 64 2.77 -3.95 -18.62
N ILE A 65 3.99 -4.38 -18.37
CA ILE A 65 4.66 -4.13 -17.12
C ILE A 65 5.97 -3.39 -17.41
N SER A 66 6.21 -2.29 -16.69
CA SER A 66 7.50 -1.58 -16.72
C SER A 66 8.27 -1.84 -15.43
N SER A 67 9.55 -1.47 -15.41
CA SER A 67 10.44 -1.82 -14.32
C SER A 67 11.58 -0.80 -14.10
N ALA A 68 12.13 -0.83 -12.89
CA ALA A 68 13.25 0.00 -12.47
C ALA A 68 14.06 -0.80 -11.48
N THR A 69 15.30 -0.38 -11.27
CA THR A 69 16.16 -1.04 -10.29
C THR A 69 16.59 -0.06 -9.19
N THR A 70 16.99 -0.60 -8.05
CA THR A 70 17.55 0.20 -6.99
C THR A 70 18.68 -0.58 -6.32
N ASP A 71 19.79 0.12 -6.04
CA ASP A 71 20.89 -0.48 -5.29
C ASP A 71 20.94 -0.01 -3.85
N ASP A 72 20.00 0.84 -3.45
CA ASP A 72 19.97 1.35 -2.09
C ASP A 72 18.60 1.29 -1.40
N LEU A 73 17.55 0.92 -2.12
CA LEU A 73 16.15 1.03 -1.65
C LEU A 73 15.78 2.47 -1.23
N ALA A 74 16.33 3.43 -1.98
CA ALA A 74 16.00 4.86 -1.85
C ALA A 74 15.78 5.51 -3.21
N THR A 75 16.76 5.33 -4.11
CA THR A 75 16.73 5.88 -5.46
C THR A 75 16.63 4.77 -6.50
N TYR A 76 16.18 5.13 -7.70
CA TYR A 76 15.86 4.16 -8.76
C TYR A 76 16.44 4.58 -10.10
N GLN A 77 16.73 3.58 -10.93
CA GLN A 77 17.09 3.76 -12.33
C GLN A 77 16.06 3.03 -13.19
N ASP A 78 15.51 3.74 -14.17
CA ASP A 78 14.60 3.13 -15.13
C ASP A 78 15.30 2.02 -15.93
N LEU A 79 14.55 0.97 -16.26
CA LEU A 79 14.99 0.01 -17.27
C LEU A 79 14.24 0.34 -18.53
N ASN A 80 14.88 0.16 -19.70
CA ASN A 80 14.29 0.56 -21.00
C ASN A 80 13.75 1.94 -21.08
N GLN A 81 14.34 2.89 -20.39
CA GLN A 81 13.80 4.25 -20.40
C GLN A 81 12.33 4.30 -19.97
N GLY A 82 11.89 3.35 -19.14
CA GLY A 82 10.49 3.31 -18.68
C GLY A 82 9.55 2.54 -19.56
N ASN A 83 10.03 2.06 -20.71
CA ASN A 83 9.21 1.24 -21.59
C ASN A 83 9.07 -0.18 -21.07
N GLN A 84 7.93 -0.79 -21.40
CA GLN A 84 7.53 -2.04 -20.80
C GLN A 84 8.52 -3.17 -21.08
N VAL A 85 8.72 -4.02 -20.07
CA VAL A 85 9.59 -5.18 -20.20
C VAL A 85 8.85 -6.38 -20.77
N ILE A 86 7.52 -6.28 -20.81
CA ILE A 86 6.67 -7.31 -21.45
C ILE A 86 5.34 -6.62 -21.79
N VAL A 87 4.81 -6.93 -22.97
CA VAL A 87 3.60 -6.31 -23.48
C VAL A 87 2.65 -7.37 -24.01
N PRO A 88 1.33 -7.07 -24.05
CA PRO A 88 0.37 -7.98 -24.64
C PRO A 88 0.52 -8.13 -26.15
N GLY A 89 -0.26 -9.01 -26.75
CA GLY A 89 -0.24 -9.24 -28.18
C GLY A 89 0.39 -10.56 -28.60
N GLY A 90 0.78 -11.39 -27.63
CA GLY A 90 1.26 -12.74 -27.92
C GLY A 90 0.13 -13.74 -28.12
N ILE A 91 0.50 -15.00 -28.34
CA ILE A 91 -0.48 -16.06 -28.55
C ILE A 91 -1.31 -16.29 -27.26
N ASN A 92 -0.64 -16.23 -26.09
CA ASN A 92 -1.35 -16.50 -24.82
C ASN A 92 -2.02 -15.29 -24.23
N ASP A 93 -1.53 -14.10 -24.60
CA ASP A 93 -1.98 -12.84 -24.02
C ASP A 93 -2.34 -11.80 -25.08
N PRO A 94 -3.19 -12.20 -26.05
CA PRO A 94 -3.46 -11.30 -27.17
C PRO A 94 -4.12 -9.98 -26.75
N VAL A 95 -4.84 -9.96 -25.63
CA VAL A 95 -5.57 -8.77 -25.22
C VAL A 95 -4.90 -8.01 -24.08
N ALA A 96 -4.38 -8.69 -23.07
CA ALA A 96 -3.78 -7.95 -21.97
C ALA A 96 -2.78 -8.76 -21.18
N VAL A 97 -1.90 -8.05 -20.49
CA VAL A 97 -0.98 -8.59 -19.52
C VAL A 97 -1.36 -8.02 -18.17
N PHE A 98 -1.77 -8.90 -17.26
CA PHE A 98 -2.07 -8.52 -15.89
C PHE A 98 -0.87 -8.88 -14.98
N ASP A 99 -1.01 -8.71 -13.67
CA ASP A 99 0.08 -8.89 -12.72
C ASP A 99 0.76 -10.25 -12.82
N GLY A 100 2.04 -10.25 -12.51
CA GLY A 100 2.79 -11.48 -12.38
C GLY A 100 3.85 -11.28 -11.32
N SER A 101 4.45 -12.39 -10.88
CA SER A 101 5.53 -12.38 -9.92
C SER A 101 6.71 -13.20 -10.45
N VAL A 102 7.87 -13.00 -9.82
CA VAL A 102 9.13 -13.50 -10.35
C VAL A 102 9.82 -14.48 -9.39
N ILE A 103 10.18 -15.65 -9.94
CA ILE A 103 11.09 -16.59 -9.30
C ILE A 103 12.49 -16.13 -9.69
N PRO A 104 13.25 -15.55 -8.74
CA PRO A 104 14.46 -14.86 -9.17
C PRO A 104 15.48 -15.78 -9.84
N ASN A 105 15.58 -17.01 -9.36
CA ASN A 105 16.51 -18.00 -9.86
C ASN A 105 15.68 -19.12 -10.44
N GLY A 106 15.18 -18.91 -11.65
CA GLY A 106 14.24 -19.84 -12.27
C GLY A 106 14.89 -20.61 -13.40
N ILE A 107 14.18 -20.66 -14.53
CA ILE A 107 14.62 -21.42 -15.69
C ILE A 107 15.99 -20.91 -16.14
N ASN A 108 16.94 -21.82 -16.31
CA ASN A 108 18.33 -21.47 -16.67
C ASN A 108 18.96 -20.49 -15.70
N GLY A 109 18.57 -20.55 -14.44
CA GLY A 109 19.07 -19.59 -13.45
C GLY A 109 18.70 -18.14 -13.72
N LEU A 110 17.65 -17.90 -14.49
CA LEU A 110 17.25 -16.54 -14.82
C LEU A 110 15.94 -16.16 -14.14
N PRO A 111 15.69 -14.84 -13.99
CA PRO A 111 14.41 -14.40 -13.44
C PRO A 111 13.26 -14.89 -14.31
N THR A 112 12.31 -15.56 -13.67
CA THR A 112 11.24 -16.22 -14.37
C THR A 112 9.92 -15.67 -13.86
N LEU A 113 9.21 -15.03 -14.78
CA LEU A 113 7.95 -14.34 -14.48
C LEU A 113 6.80 -15.28 -14.76
N LEU A 114 5.96 -15.49 -13.76
CA LEU A 114 4.68 -16.15 -13.90
C LEU A 114 3.61 -15.06 -13.79
N TYR A 115 2.80 -14.92 -14.83
CA TYR A 115 1.90 -13.78 -14.93
C TYR A 115 0.59 -14.15 -15.56
N THR A 116 -0.41 -13.30 -15.34
CA THR A 116 -1.73 -13.52 -15.94
C THR A 116 -1.80 -13.02 -17.40
N SER A 117 -1.88 -13.97 -18.31
CA SER A 117 -2.06 -13.72 -19.73
C SER A 117 -3.57 -13.69 -20.06
N VAL A 118 -4.04 -12.55 -20.60
CA VAL A 118 -5.46 -12.27 -20.84
C VAL A 118 -5.83 -12.35 -22.33
N SER A 119 -6.87 -13.15 -22.61
CA SER A 119 -7.33 -13.41 -23.97
C SER A 119 -8.73 -12.87 -24.29
N TYR A 120 -9.52 -12.52 -23.27
CA TYR A 120 -10.90 -12.03 -23.45
C TYR A 120 -11.21 -10.98 -22.40
N LEU A 121 -11.90 -9.92 -22.82
CA LEU A 121 -12.40 -8.88 -21.94
C LEU A 121 -13.87 -8.68 -22.30
N PRO A 122 -14.69 -8.13 -21.39
CA PRO A 122 -14.39 -7.64 -20.05
C PRO A 122 -14.26 -8.77 -19.03
N ILE A 123 -13.59 -8.46 -17.92
CA ILE A 123 -13.48 -9.37 -16.80
C ILE A 123 -13.87 -8.59 -15.54
N HIS A 124 -14.93 -9.03 -14.87
CA HIS A 124 -15.31 -8.43 -13.60
C HIS A 124 -16.09 -9.42 -12.73
N TRP A 125 -15.90 -9.31 -11.42
CA TRP A 125 -16.58 -10.21 -10.48
C TRP A 125 -18.12 -10.16 -10.60
N SER A 126 -18.66 -9.02 -11.03
CA SER A 126 -20.10 -8.77 -11.01
C SER A 126 -20.85 -9.31 -12.22
N ILE A 127 -20.13 -9.82 -13.21
CA ILE A 127 -20.71 -10.30 -14.45
C ILE A 127 -20.30 -11.74 -14.70
N PRO A 128 -20.97 -12.41 -15.66
CA PRO A 128 -20.54 -13.77 -15.95
C PRO A 128 -19.09 -13.84 -16.47
N TYR A 129 -18.36 -14.85 -16.05
CA TYR A 129 -16.95 -14.97 -16.41
C TYR A 129 -16.81 -15.62 -17.79
N THR A 130 -16.04 -15.03 -18.69
CA THR A 130 -15.75 -15.65 -19.97
C THR A 130 -14.67 -16.72 -19.82
N ARG A 131 -15.01 -17.94 -20.19
CA ARG A 131 -14.10 -19.06 -20.05
C ARG A 131 -12.75 -18.74 -20.72
N GLY A 132 -11.65 -19.06 -20.03
CA GLY A 132 -10.31 -18.83 -20.59
C GLY A 132 -9.85 -17.37 -20.72
N SER A 133 -10.56 -16.44 -20.10
CA SER A 133 -10.14 -15.04 -20.18
C SER A 133 -8.82 -14.82 -19.47
N GLU A 134 -8.56 -15.58 -18.40
CA GLU A 134 -7.30 -15.48 -17.66
C GLU A 134 -6.57 -16.83 -17.57
N THR A 135 -5.34 -16.86 -18.04
CA THR A 135 -4.45 -18.02 -17.86
C THR A 135 -3.17 -17.52 -17.25
N GLN A 136 -2.30 -18.43 -16.83
CA GLN A 136 -1.04 -18.01 -16.24
C GLN A 136 0.08 -18.58 -17.12
N SER A 137 0.97 -17.69 -17.57
CA SER A 137 2.01 -18.00 -18.53
C SER A 137 3.39 -17.64 -17.97
N LEU A 138 4.44 -18.20 -18.58
CA LEU A 138 5.82 -17.92 -18.19
C LEU A 138 6.58 -17.07 -19.20
N ALA A 139 7.40 -16.17 -18.66
CA ALA A 139 8.39 -15.47 -19.43
C ALA A 139 9.71 -15.45 -18.65
N VAL A 140 10.82 -15.34 -19.37
CA VAL A 140 12.16 -15.38 -18.78
C VAL A 140 12.99 -14.19 -19.29
N SER A 141 13.69 -13.52 -18.39
CA SER A 141 14.57 -12.43 -18.80
C SER A 141 16.01 -12.89 -18.81
N SER A 142 16.62 -12.87 -20.00
CA SER A 142 18.05 -13.16 -20.09
C SER A 142 18.91 -11.91 -20.30
N ASP A 143 18.37 -10.71 -20.09
CA ASP A 143 19.13 -9.50 -20.34
C ASP A 143 19.20 -8.58 -19.12
N GLY A 144 19.11 -9.13 -17.90
CA GLY A 144 19.17 -8.31 -16.69
C GLY A 144 17.85 -7.63 -16.30
N GLY A 145 16.74 -8.08 -16.87
CA GLY A 145 15.43 -7.63 -16.40
C GLY A 145 14.79 -6.54 -17.22
N SER A 146 15.38 -6.24 -18.38
CA SER A 146 14.85 -5.23 -19.27
C SER A 146 13.79 -5.77 -20.19
N ASN A 147 13.87 -7.06 -20.47
CA ASN A 147 12.92 -7.72 -21.37
C ASN A 147 12.67 -9.09 -20.81
N PHE A 148 11.41 -9.38 -20.55
CA PHE A 148 11.00 -10.73 -20.19
C PHE A 148 10.42 -11.41 -21.42
N THR A 149 11.15 -12.38 -21.96
CA THR A 149 10.80 -13.09 -23.18
C THR A 149 9.79 -14.21 -22.89
N LYS A 150 8.65 -14.14 -23.55
CA LYS A 150 7.62 -15.17 -23.37
C LYS A 150 8.13 -16.51 -23.85
N LEU A 151 7.97 -17.55 -23.04
CA LEU A 151 8.24 -18.90 -23.54
C LEU A 151 7.27 -19.14 -24.68
N ASP A 152 7.78 -19.81 -25.73
CA ASP A 152 7.03 -20.08 -26.94
C ASP A 152 6.20 -21.37 -26.74
N GLN A 153 5.22 -21.28 -25.87
CA GLN A 153 4.36 -22.40 -25.52
C GLN A 153 3.12 -21.81 -24.86
N GLY A 154 2.09 -22.63 -24.64
CA GLY A 154 0.88 -22.21 -23.96
C GLY A 154 1.06 -21.92 -22.48
N PRO A 155 -0.01 -21.45 -21.83
CA PRO A 155 0.08 -21.21 -20.41
C PRO A 155 0.39 -22.46 -19.63
N VAL A 156 1.11 -22.29 -18.52
CA VAL A 156 1.44 -23.39 -17.64
C VAL A 156 0.29 -23.69 -16.67
N ILE A 157 -0.58 -22.71 -16.45
CA ILE A 157 -1.84 -22.93 -15.75
C ILE A 157 -2.98 -22.43 -16.66
N PRO A 158 -3.52 -23.31 -17.51
CA PRO A 158 -4.47 -22.87 -18.53
C PRO A 158 -5.92 -22.62 -18.07
N GLY A 159 -6.14 -22.48 -16.78
CA GLY A 159 -7.46 -22.10 -16.29
C GLY A 159 -7.64 -22.63 -14.89
N PRO A 160 -8.78 -22.30 -14.27
CA PRO A 160 -9.08 -22.71 -12.91
C PRO A 160 -9.41 -24.21 -12.82
N PRO A 161 -9.50 -24.75 -11.60
CA PRO A 161 -9.85 -26.16 -11.48
C PRO A 161 -11.17 -26.48 -12.18
N PHE A 162 -11.33 -27.75 -12.54
CA PHE A 162 -12.42 -28.22 -13.37
C PHE A 162 -13.78 -27.72 -12.91
N ALA A 163 -14.52 -27.09 -13.83
CA ALA A 163 -15.88 -26.61 -13.59
C ALA A 163 -16.03 -25.52 -12.52
N TYR A 164 -14.93 -24.93 -12.05
CA TYR A 164 -15.06 -23.83 -11.06
C TYR A 164 -15.56 -22.57 -11.75
N ASN A 165 -16.63 -21.98 -11.22
CA ASN A 165 -17.22 -20.78 -11.77
C ASN A 165 -16.59 -19.57 -11.07
N VAL A 166 -15.36 -19.23 -11.49
CA VAL A 166 -14.59 -18.19 -10.85
C VAL A 166 -15.14 -16.78 -11.17
N THR A 167 -15.01 -15.88 -10.19
CA THR A 167 -15.24 -14.45 -10.37
C THR A 167 -14.04 -13.77 -11.04
N ALA A 168 -12.87 -14.37 -10.81
CA ALA A 168 -11.57 -13.87 -11.22
C ALA A 168 -10.56 -14.96 -10.97
N PHE A 169 -9.43 -14.90 -11.68
CA PHE A 169 -8.38 -15.93 -11.61
C PHE A 169 -7.06 -15.34 -12.12
N ARG A 170 -6.42 -14.52 -11.28
CA ARG A 170 -5.26 -13.74 -11.68
C ARG A 170 -4.29 -13.38 -10.57
N ASP A 171 -3.19 -12.76 -10.98
CA ASP A 171 -2.18 -12.17 -10.06
C ASP A 171 -1.41 -13.24 -9.30
N PRO A 172 -0.85 -14.20 -10.04
CA PRO A 172 -0.09 -15.30 -9.44
C PRO A 172 1.08 -14.76 -8.64
N TYR A 173 1.17 -15.21 -7.39
CA TYR A 173 2.17 -14.72 -6.44
C TYR A 173 3.00 -15.90 -5.96
N VAL A 174 4.24 -15.97 -6.46
CA VAL A 174 5.14 -17.06 -6.13
C VAL A 174 5.82 -16.76 -4.78
N PHE A 175 5.95 -17.81 -3.96
CA PHE A 175 6.59 -17.68 -2.66
C PHE A 175 7.05 -19.04 -2.13
N GLN A 176 8.06 -19.01 -1.26
CA GLN A 176 8.55 -20.20 -0.58
C GLN A 176 8.14 -20.11 0.89
N ASN A 177 7.95 -21.28 1.51
CA ASN A 177 7.58 -21.33 2.93
C ASN A 177 7.81 -22.71 3.57
N PRO A 178 8.73 -22.80 4.55
CA PRO A 178 9.04 -24.11 5.16
C PRO A 178 7.93 -24.71 6.00
N THR A 179 7.04 -23.87 6.52
CA THR A 179 5.89 -24.37 7.27
C THR A 179 4.94 -25.15 6.35
N LEU A 180 4.64 -24.60 5.17
CA LEU A 180 3.86 -25.33 4.16
C LEU A 180 4.59 -26.59 3.75
N ASP A 181 5.91 -26.52 3.55
CA ASP A 181 6.68 -27.71 3.18
C ASP A 181 6.44 -28.88 4.17
N SER A 182 6.52 -28.61 5.48
CA SER A 182 6.31 -29.64 6.52
C SER A 182 4.90 -30.15 6.53
N LEU A 183 3.92 -29.25 6.53
CA LEU A 183 2.52 -29.67 6.50
C LEU A 183 2.17 -30.53 5.29
N LEU A 184 2.76 -30.23 4.13
CA LEU A 184 2.38 -30.89 2.87
C LEU A 184 3.40 -31.92 2.40
N HIS A 185 4.51 -32.07 3.14
CA HIS A 185 5.61 -32.95 2.73
C HIS A 185 6.12 -32.60 1.35
N SER A 186 6.29 -31.30 1.10
CA SER A 186 6.80 -30.83 -0.20
C SER A 186 8.29 -30.97 -0.15
N LYS A 187 8.94 -31.04 -1.30
CA LYS A 187 10.39 -30.95 -1.32
C LYS A 187 10.80 -29.62 -0.69
N ASN A 188 11.94 -29.61 -0.01
CA ASN A 188 12.41 -28.40 0.67
C ASN A 188 12.53 -27.25 -0.31
N ASN A 189 12.00 -26.08 0.04
CA ASN A 189 12.11 -24.90 -0.82
C ASN A 189 11.34 -25.03 -2.14
N THR A 190 10.30 -25.84 -2.12
CA THR A 190 9.26 -25.82 -3.12
C THR A 190 8.72 -24.39 -3.29
N TRP A 191 8.46 -24.01 -4.52
CA TRP A 191 7.79 -22.77 -4.85
C TRP A 191 6.29 -23.03 -4.81
N TYR A 192 5.60 -22.18 -4.05
CA TYR A 192 4.14 -22.09 -4.06
C TYR A 192 3.72 -20.91 -4.90
N THR A 193 2.48 -20.97 -5.38
CA THR A 193 1.83 -19.88 -6.07
C THR A 193 0.41 -19.76 -5.51
N VAL A 194 0.01 -18.57 -5.07
CA VAL A 194 -1.40 -18.31 -4.90
C VAL A 194 -1.90 -17.49 -6.05
N ILE A 195 -3.11 -17.84 -6.49
CA ILE A 195 -3.83 -17.07 -7.49
C ILE A 195 -5.04 -16.48 -6.77
N SER A 196 -5.37 -15.23 -7.09
CA SER A 196 -6.45 -14.52 -6.39
C SER A 196 -7.73 -14.42 -7.21
N GLY A 197 -8.86 -14.52 -6.51
CA GLY A 197 -10.16 -14.27 -7.11
C GLY A 197 -11.28 -14.69 -6.18
N GLY A 198 -12.03 -15.69 -6.64
CA GLY A 198 -13.18 -16.18 -5.90
C GLY A 198 -14.08 -17.02 -6.78
N LEU A 199 -15.20 -17.46 -6.22
CA LEU A 199 -16.22 -18.24 -6.94
C LEU A 199 -17.58 -17.56 -6.82
N HIS A 200 -18.30 -17.50 -7.94
CA HIS A 200 -19.67 -16.99 -7.97
C HIS A 200 -20.54 -17.79 -6.99
N GLU A 201 -21.42 -17.11 -6.27
CA GLU A 201 -22.35 -17.75 -5.30
C GLU A 201 -21.63 -18.43 -4.15
N LYS A 202 -20.36 -18.14 -3.92
CA LYS A 202 -19.67 -18.71 -2.78
C LYS A 202 -18.90 -17.62 -2.07
N GLY A 203 -17.93 -17.01 -2.76
CA GLY A 203 -17.21 -15.87 -2.20
C GLY A 203 -15.75 -15.82 -2.61
N PRO A 204 -15.03 -14.81 -2.10
CA PRO A 204 -13.64 -14.59 -2.46
C PRO A 204 -12.71 -15.69 -1.99
N ALA A 205 -11.60 -15.89 -2.69
CA ALA A 205 -10.68 -16.97 -2.35
C ALA A 205 -9.27 -16.76 -2.87
N GLN A 206 -8.32 -17.42 -2.23
CA GLN A 206 -7.00 -17.62 -2.78
C GLN A 206 -6.89 -19.09 -3.15
N PHE A 207 -6.54 -19.35 -4.42
CA PHE A 207 -6.27 -20.67 -4.92
C PHE A 207 -4.79 -20.96 -4.76
N LEU A 208 -4.47 -22.07 -4.09
CA LEU A 208 -3.08 -22.41 -3.77
C LEU A 208 -2.56 -23.53 -4.65
N TYR A 209 -1.32 -23.38 -5.10
CA TYR A 209 -0.64 -24.36 -5.95
C TYR A 209 0.79 -24.59 -5.45
N ARG A 210 1.36 -25.74 -5.79
CA ARG A 210 2.79 -25.93 -5.62
C ARG A 210 3.43 -26.47 -6.86
N GLN A 211 4.67 -26.05 -7.06
CA GLN A 211 5.56 -26.55 -8.09
C GLN A 211 5.55 -28.08 -8.11
N TYR A 212 5.27 -28.69 -9.25
CA TYR A 212 5.23 -30.14 -9.39
C TYR A 212 6.53 -30.69 -10.00
N ASP A 213 7.20 -29.87 -10.81
CA ASP A 213 8.40 -30.26 -11.51
C ASP A 213 9.42 -29.14 -11.36
N SER A 214 10.69 -29.48 -11.50
CA SER A 214 11.72 -28.47 -11.36
C SER A 214 11.71 -27.47 -12.54
N ASP A 215 10.95 -27.74 -13.60
CA ASP A 215 10.95 -26.84 -14.77
C ASP A 215 9.85 -25.75 -14.74
N PHE A 216 9.08 -25.69 -13.64
CA PHE A 216 8.01 -24.70 -13.45
C PHE A 216 6.83 -24.83 -14.42
N GLN A 217 6.73 -26.00 -15.03
CA GLN A 217 5.78 -26.26 -16.08
C GLN A 217 4.39 -26.64 -15.53
N TYR A 218 4.40 -27.41 -14.44
CA TYR A 218 3.19 -27.93 -13.84
C TYR A 218 3.03 -27.48 -12.40
N TRP A 219 1.79 -27.13 -12.05
CA TRP A 219 1.48 -26.53 -10.76
C TRP A 219 0.34 -27.33 -10.14
N GLU A 220 0.67 -28.09 -9.10
CA GLU A 220 -0.31 -28.96 -8.45
C GLU A 220 -1.26 -28.13 -7.60
N TYR A 221 -2.56 -28.26 -7.84
CA TYR A 221 -3.56 -27.51 -7.09
C TYR A 221 -3.77 -28.10 -5.70
N LEU A 222 -3.71 -27.24 -4.69
CA LEU A 222 -3.78 -27.65 -3.28
C LEU A 222 -5.04 -27.12 -2.61
N GLY A 223 -5.97 -26.58 -3.39
CA GLY A 223 -7.27 -26.18 -2.87
C GLY A 223 -7.37 -24.69 -2.59
N GLN A 224 -8.57 -24.26 -2.25
CA GLN A 224 -8.80 -22.91 -1.77
C GLN A 224 -8.33 -22.81 -0.34
N TRP A 225 -7.04 -22.57 -0.15
CA TRP A 225 -6.45 -22.61 1.18
C TRP A 225 -7.03 -21.52 2.09
N TRP A 226 -7.57 -20.45 1.50
CA TRP A 226 -8.28 -19.44 2.25
C TRP A 226 -9.45 -18.96 1.40
N HIS A 227 -10.65 -19.01 1.97
CA HIS A 227 -11.83 -18.47 1.32
C HIS A 227 -12.81 -17.96 2.38
N GLU A 228 -13.70 -17.07 1.97
CA GLU A 228 -14.65 -16.42 2.88
C GLU A 228 -15.97 -16.29 2.14
N PRO A 229 -17.09 -16.27 2.88
CA PRO A 229 -18.37 -16.10 2.21
C PRO A 229 -18.49 -14.75 1.54
N THR A 230 -19.16 -14.71 0.40
CA THR A 230 -19.38 -13.47 -0.33
C THR A 230 -19.73 -12.31 0.59
N ASN A 231 -18.93 -11.25 0.52
CA ASN A 231 -19.18 -10.01 1.24
C ASN A 231 -19.33 -10.16 2.75
N SER A 232 -18.69 -11.18 3.32
CA SER A 232 -18.49 -11.28 4.74
C SER A 232 -17.41 -10.30 5.17
N THR A 233 -17.11 -10.29 6.46
CA THR A 233 -16.20 -9.32 7.03
C THR A 233 -15.51 -9.87 8.27
N TRP A 234 -14.27 -9.42 8.51
CA TRP A 234 -13.58 -9.73 9.75
C TRP A 234 -14.25 -8.96 10.90
N GLY A 235 -14.54 -9.69 11.97
CA GLY A 235 -15.27 -9.10 13.11
C GLY A 235 -16.62 -8.60 12.65
N ASN A 236 -16.95 -7.37 13.03
CA ASN A 236 -18.20 -6.73 12.60
C ASN A 236 -18.01 -5.63 11.55
N GLY A 237 -16.85 -5.61 10.89
CA GLY A 237 -16.57 -4.66 9.80
C GLY A 237 -15.85 -3.40 10.21
N THR A 238 -15.45 -3.32 11.49
CA THR A 238 -14.87 -2.11 12.05
C THR A 238 -13.39 -1.92 11.68
N TRP A 239 -12.59 -2.98 11.81
CA TRP A 239 -11.14 -2.82 11.80
C TRP A 239 -10.44 -3.28 10.51
N ALA A 240 -11.14 -4.01 9.65
CA ALA A 240 -10.50 -4.58 8.45
C ALA A 240 -11.42 -4.67 7.25
N GLY A 241 -12.24 -3.66 7.05
CA GLY A 241 -13.09 -3.56 5.87
C GLY A 241 -14.00 -4.76 5.72
N ARG A 242 -14.16 -5.23 4.49
CA ARG A 242 -14.89 -6.45 4.20
C ARG A 242 -14.04 -7.36 3.31
N TRP A 243 -14.30 -8.66 3.38
CA TRP A 243 -13.74 -9.62 2.42
C TRP A 243 -14.37 -9.40 1.04
N ALA A 244 -15.59 -8.89 1.03
CA ALA A 244 -16.24 -8.36 -0.16
C ALA A 244 -16.47 -9.44 -1.24
N PHE A 245 -16.46 -9.05 -2.50
CA PHE A 245 -16.92 -9.90 -3.57
C PHE A 245 -15.82 -10.59 -4.36
N ASN A 246 -14.57 -10.17 -4.15
CA ASN A 246 -13.46 -10.78 -4.91
C ASN A 246 -12.13 -10.38 -4.28
N PHE A 247 -11.16 -11.31 -4.26
CA PHE A 247 -9.81 -10.99 -3.81
C PHE A 247 -8.89 -10.73 -5.00
N GLU A 248 -8.06 -9.72 -4.90
CA GLU A 248 -7.02 -9.42 -5.89
C GLU A 248 -5.66 -9.33 -5.20
N THR A 249 -4.61 -9.44 -6.02
CA THR A 249 -3.23 -9.16 -5.62
C THR A 249 -2.76 -9.80 -4.33
N GLY A 250 -3.15 -11.05 -4.10
CA GLY A 250 -2.78 -11.78 -2.89
C GLY A 250 -1.26 -11.95 -2.84
N ASN A 251 -0.65 -11.49 -1.75
CA ASN A 251 0.76 -11.76 -1.44
C ASN A 251 0.78 -12.67 -0.22
N VAL A 252 1.75 -13.58 -0.13
CA VAL A 252 1.91 -14.42 1.05
C VAL A 252 3.38 -14.38 1.46
N PHE A 253 3.59 -14.19 2.76
CA PHE A 253 4.93 -14.03 3.31
C PHE A 253 4.87 -14.34 4.82
N SER A 254 6.04 -14.33 5.46
CA SER A 254 6.14 -14.73 6.84
C SER A 254 7.15 -13.84 7.54
N LEU A 255 6.81 -13.50 8.78
CA LEU A 255 7.48 -12.43 9.51
C LEU A 255 7.84 -12.83 10.93
N ASP A 256 8.89 -12.20 11.44
CA ASP A 256 9.11 -12.10 12.87
C ASP A 256 9.22 -10.62 13.24
N GLU A 257 9.79 -10.35 14.42
CA GLU A 257 9.87 -9.01 14.97
C GLU A 257 10.82 -8.08 14.22
N TYR A 258 11.77 -8.63 13.46
CA TYR A 258 12.76 -7.81 12.75
C TYR A 258 12.47 -7.62 11.27
N GLY A 259 11.66 -8.49 10.69
CA GLY A 259 11.42 -8.47 9.25
C GLY A 259 10.92 -9.80 8.75
N TYR A 260 11.47 -10.22 7.61
CA TYR A 260 11.03 -11.43 6.96
C TYR A 260 11.73 -12.59 7.66
N ASN A 261 10.99 -13.69 7.81
CA ASN A 261 11.52 -14.93 8.38
C ASN A 261 10.73 -16.10 7.81
N PRO A 262 11.39 -17.03 7.10
CA PRO A 262 10.69 -18.16 6.51
C PRO A 262 9.92 -19.00 7.53
N HIS A 263 10.42 -19.09 8.76
CA HIS A 263 9.76 -19.86 9.82
C HIS A 263 8.84 -19.02 10.65
N GLY A 264 8.63 -17.76 10.26
CA GLY A 264 7.81 -16.86 11.03
C GLY A 264 6.33 -17.08 10.86
N GLN A 265 5.60 -16.26 11.59
CA GLN A 265 4.17 -16.13 11.48
C GLN A 265 3.76 -15.74 10.05
N ILE A 266 2.68 -16.34 9.55
CA ILE A 266 2.26 -16.17 8.16
C ILE A 266 1.21 -15.07 8.01
N PHE A 267 1.44 -14.20 7.03
CA PHE A 267 0.56 -13.07 6.69
C PHE A 267 0.20 -13.12 5.21
N THR A 268 -0.92 -12.50 4.85
CA THR A 268 -1.24 -12.22 3.45
C THR A 268 -1.68 -10.75 3.34
N THR A 269 -1.34 -10.10 2.22
CA THR A 269 -2.01 -8.85 1.83
C THR A 269 -2.88 -9.10 0.59
N ILE A 270 -4.05 -8.46 0.56
CA ILE A 270 -5.01 -8.60 -0.53
C ILE A 270 -5.71 -7.28 -0.77
N GLY A 271 -6.13 -7.08 -2.01
CA GLY A 271 -7.16 -6.12 -2.30
C GLY A 271 -8.49 -6.85 -2.26
N THR A 272 -9.52 -6.19 -1.72
CA THR A 272 -10.88 -6.73 -1.86
C THR A 272 -11.73 -5.74 -2.64
N GLU A 273 -12.54 -6.28 -3.56
CA GLU A 273 -13.44 -5.51 -4.40
C GLU A 273 -14.84 -5.54 -3.81
N GLY A 274 -15.27 -4.37 -3.34
CA GLY A 274 -16.55 -4.20 -2.67
C GLY A 274 -17.55 -3.40 -3.48
N SER A 275 -18.77 -3.35 -2.96
CA SER A 275 -19.90 -2.73 -3.63
C SER A 275 -21.04 -2.52 -2.64
N ASP A 276 -21.83 -1.49 -2.84
CA ASP A 276 -23.12 -1.38 -2.15
C ASP A 276 -24.07 -2.29 -2.87
N LEU A 277 -25.21 -2.58 -2.25
CA LEU A 277 -26.25 -3.34 -2.91
C LEU A 277 -27.35 -2.36 -3.33
N PRO A 278 -27.94 -2.58 -4.51
CA PRO A 278 -27.62 -3.64 -5.46
C PRO A 278 -26.30 -3.35 -6.18
N VAL A 279 -25.71 -4.40 -6.72
CA VAL A 279 -24.48 -4.30 -7.47
C VAL A 279 -24.71 -3.49 -8.75
N VAL A 280 -23.82 -2.54 -9.03
CA VAL A 280 -23.79 -1.87 -10.34
C VAL A 280 -22.86 -2.69 -11.25
N PRO A 281 -23.36 -3.17 -12.42
CA PRO A 281 -22.57 -4.06 -13.25
C PRO A 281 -21.21 -3.47 -13.62
N GLN A 282 -20.16 -4.29 -13.50
CA GLN A 282 -18.80 -3.89 -13.81
C GLN A 282 -18.21 -2.75 -12.95
N LEU A 283 -18.86 -2.40 -11.86
CA LEU A 283 -18.35 -1.35 -10.98
C LEU A 283 -17.93 -1.94 -9.65
N THR A 284 -16.65 -1.78 -9.31
CA THR A 284 -16.17 -2.00 -7.94
C THR A 284 -16.13 -0.63 -7.29
N SER A 285 -16.91 -0.42 -6.24
CA SER A 285 -17.04 0.93 -5.65
C SER A 285 -16.13 1.10 -4.45
N ILE A 286 -15.69 -0.01 -3.86
CA ILE A 286 -14.81 0.05 -2.68
C ILE A 286 -13.58 -0.82 -2.93
N HIS A 287 -12.40 -0.20 -2.88
CA HIS A 287 -11.13 -0.90 -3.08
C HIS A 287 -10.35 -0.94 -1.77
N ASP A 288 -10.50 -2.02 -1.00
CA ASP A 288 -9.86 -2.14 0.33
C ASP A 288 -8.50 -2.83 0.26
N MET A 289 -7.50 -2.24 0.91
CA MET A 289 -6.14 -2.74 0.92
C MET A 289 -5.84 -3.32 2.30
N LEU A 290 -6.09 -4.62 2.42
CA LEU A 290 -6.03 -5.34 3.69
C LEU A 290 -4.77 -6.18 3.89
N TRP A 291 -4.44 -6.37 5.17
CA TRP A 291 -3.47 -7.38 5.61
C TRP A 291 -4.20 -8.30 6.56
N VAL A 292 -3.73 -9.54 6.65
CA VAL A 292 -4.36 -10.57 7.46
C VAL A 292 -3.27 -11.47 8.01
N SER A 293 -3.33 -11.69 9.32
CA SER A 293 -2.48 -12.67 10.00
C SER A 293 -3.27 -13.94 10.15
N GLY A 294 -2.63 -15.09 10.08
CA GLY A 294 -3.32 -16.35 10.22
C GLY A 294 -2.42 -17.51 10.56
N THR A 295 -3.02 -18.56 11.10
CA THR A 295 -2.31 -19.81 11.36
C THR A 295 -2.65 -20.74 10.21
N VAL A 296 -1.77 -21.69 9.97
CA VAL A 296 -1.91 -22.63 8.87
C VAL A 296 -1.98 -24.03 9.44
N SER A 297 -3.04 -24.75 9.13
CA SER A 297 -3.23 -26.14 9.60
C SER A 297 -3.59 -27.05 8.42
N ARG A 298 -3.69 -28.36 8.67
CA ARG A 298 -4.00 -29.34 7.64
C ARG A 298 -4.99 -30.41 8.12
N ASN A 299 -5.96 -30.76 7.29
CA ASN A 299 -6.86 -31.90 7.53
C ASN A 299 -7.13 -32.59 6.21
N GLY A 300 -6.10 -33.17 5.61
CA GLY A 300 -6.16 -33.51 4.18
C GLY A 300 -5.63 -32.33 3.38
N SER A 301 -6.39 -31.24 3.33
CA SER A 301 -5.94 -30.02 2.65
C SER A 301 -5.49 -28.96 3.66
N VAL A 302 -4.55 -28.12 3.23
CA VAL A 302 -4.03 -27.05 4.07
C VAL A 302 -5.03 -25.87 4.11
N SER A 303 -5.00 -25.13 5.21
CA SER A 303 -5.92 -24.03 5.41
C SER A 303 -5.25 -22.87 6.17
N PHE A 304 -5.51 -21.65 5.71
CA PHE A 304 -5.06 -20.44 6.39
C PHE A 304 -6.24 -19.95 7.22
N ASN A 305 -6.01 -19.71 8.51
CA ASN A 305 -7.09 -19.36 9.45
C ASN A 305 -6.83 -17.99 10.07
N PRO A 306 -7.53 -16.94 9.59
CA PRO A 306 -7.21 -15.61 10.10
C PRO A 306 -7.39 -15.48 11.61
N ASN A 307 -6.44 -14.84 12.28
CA ASN A 307 -6.57 -14.50 13.70
C ASN A 307 -6.53 -13.00 13.99
N MET A 308 -6.24 -12.19 12.96
CA MET A 308 -6.39 -10.74 13.03
C MET A 308 -6.17 -10.14 11.64
N ALA A 309 -6.69 -8.94 11.42
CA ALA A 309 -6.62 -8.33 10.10
C ALA A 309 -6.76 -6.85 10.27
N GLY A 310 -6.25 -6.10 9.30
CA GLY A 310 -6.37 -4.64 9.28
C GLY A 310 -6.16 -4.13 7.86
N PHE A 311 -5.86 -2.82 7.75
CA PHE A 311 -5.54 -2.20 6.45
C PHE A 311 -4.07 -1.96 6.37
N LEU A 312 -3.46 -2.31 5.24
CA LEU A 312 -2.08 -1.93 4.94
C LEU A 312 -2.02 -0.43 4.60
N ASP A 313 -3.08 0.10 4.00
CA ASP A 313 -3.25 1.55 3.86
C ASP A 313 -4.74 1.86 3.80
N TRP A 314 -5.16 2.85 4.59
CA TRP A 314 -6.58 3.20 4.72
C TRP A 314 -7.09 4.10 3.61
N GLY A 315 -6.20 4.53 2.72
CA GLY A 315 -6.58 5.47 1.68
C GLY A 315 -7.61 4.87 0.75
N PHE A 316 -8.63 5.65 0.41
CA PHE A 316 -9.63 5.23 -0.56
C PHE A 316 -8.93 4.76 -1.85
N SER A 317 -7.95 5.53 -2.32
CA SER A 317 -7.27 5.24 -3.60
C SER A 317 -6.09 4.27 -3.45
N SER A 318 -5.80 3.84 -2.22
CA SER A 318 -4.74 2.86 -1.97
C SER A 318 -5.25 1.45 -2.21
N TYR A 319 -4.47 0.65 -2.94
CA TYR A 319 -4.89 -0.66 -3.37
C TYR A 319 -3.71 -1.49 -3.91
N ALA A 320 -3.96 -2.77 -4.16
CA ALA A 320 -3.15 -3.61 -5.03
C ALA A 320 -1.68 -3.73 -4.67
N ALA A 321 -1.38 -3.76 -3.39
CA ALA A 321 0.01 -3.78 -2.95
C ALA A 321 0.75 -4.99 -3.49
N ALA A 322 2.00 -4.75 -3.90
CA ALA A 322 2.91 -5.82 -4.24
C ALA A 322 4.19 -5.65 -3.47
N GLY A 323 4.61 -6.74 -2.86
CA GLY A 323 5.78 -6.80 -2.03
C GLY A 323 6.60 -8.03 -2.38
N LYS A 324 7.78 -8.09 -1.80
CA LYS A 324 8.72 -9.11 -2.13
C LYS A 324 9.73 -9.24 -1.01
N VAL A 325 10.14 -10.48 -0.75
CA VAL A 325 11.27 -10.73 0.13
C VAL A 325 12.50 -10.03 -0.45
N LEU A 326 13.21 -9.32 0.41
CA LEU A 326 14.47 -8.65 0.07
C LEU A 326 15.50 -9.18 1.05
N PRO A 327 16.41 -10.06 0.59
CA PRO A 327 17.35 -10.70 1.51
C PRO A 327 18.40 -9.74 2.07
N SER A 328 18.94 -10.08 3.24
CA SER A 328 20.03 -9.31 3.85
C SER A 328 21.26 -9.18 2.94
N THR A 329 21.44 -10.15 2.05
CA THR A 329 22.55 -10.16 1.11
C THR A 329 22.40 -9.20 -0.07
N SER A 330 21.23 -8.56 -0.24
CA SER A 330 21.04 -7.65 -1.38
C SER A 330 21.95 -6.44 -1.29
N LEU A 331 22.12 -5.75 -2.41
CA LEU A 331 22.86 -4.50 -2.42
C LEU A 331 22.35 -3.48 -1.40
N PRO A 332 21.02 -3.18 -1.40
CA PRO A 332 20.50 -2.24 -0.39
C PRO A 332 20.73 -2.67 1.05
N SER A 333 20.45 -3.94 1.35
CA SER A 333 20.55 -4.43 2.71
C SER A 333 22.01 -4.52 3.19
N THR A 334 22.93 -4.82 2.28
CA THR A 334 24.35 -4.87 2.59
C THR A 334 24.83 -3.50 3.04
N LYS A 335 24.46 -2.44 2.30
CA LYS A 335 24.83 -1.08 2.68
C LYS A 335 24.20 -0.59 3.99
N SER A 336 22.96 -0.99 4.29
CA SER A 336 22.25 -0.42 5.43
C SER A 336 22.35 -1.32 6.65
N GLY A 337 22.90 -2.51 6.48
CA GLY A 337 22.95 -3.51 7.54
C GLY A 337 21.60 -4.15 7.88
N ALA A 338 20.64 -4.14 6.95
CA ALA A 338 19.31 -4.67 7.27
C ALA A 338 19.30 -6.20 7.30
N PRO A 339 18.45 -6.80 8.13
CA PRO A 339 18.23 -8.23 8.02
C PRO A 339 17.28 -8.51 6.84
N ASP A 340 16.85 -9.75 6.68
CA ASP A 340 15.88 -10.09 5.64
C ASP A 340 14.62 -9.26 5.90
N ARG A 341 14.08 -8.67 4.84
CA ARG A 341 12.88 -7.86 4.96
C ARG A 341 11.81 -8.29 3.98
N PHE A 342 10.59 -7.88 4.24
CA PHE A 342 9.52 -7.93 3.26
C PHE A 342 9.10 -6.50 2.95
N ILE A 343 9.40 -6.05 1.73
CA ILE A 343 9.18 -4.67 1.30
C ILE A 343 7.89 -4.64 0.48
N SER A 344 6.93 -3.81 0.87
CA SER A 344 5.66 -3.72 0.12
C SER A 344 5.45 -2.31 -0.45
N TYR A 345 5.09 -2.26 -1.74
CA TYR A 345 4.71 -1.01 -2.41
C TYR A 345 3.21 -1.03 -2.65
N VAL A 346 2.52 -0.08 -2.06
CA VAL A 346 1.09 0.11 -2.28
C VAL A 346 0.87 1.01 -3.52
N TRP A 347 -0.16 0.72 -4.27
CA TRP A 347 -0.58 1.55 -5.41
C TRP A 347 -1.49 2.65 -4.91
N LEU A 348 -1.22 3.88 -5.33
CA LEU A 348 -2.16 4.97 -5.15
C LEU A 348 -2.68 5.33 -6.52
N SER A 349 -3.87 4.82 -6.84
CA SER A 349 -4.54 5.16 -8.09
C SER A 349 -4.72 6.68 -8.22
N GLY A 350 -4.45 7.20 -9.41
CA GLY A 350 -4.45 8.64 -9.65
C GLY A 350 -5.81 9.20 -9.97
N ASP A 351 -6.76 8.36 -10.37
CA ASP A 351 -8.03 8.80 -10.94
C ASP A 351 -9.22 8.03 -10.37
N LEU A 352 -9.16 7.70 -9.09
CA LEU A 352 -10.24 6.94 -8.44
C LEU A 352 -10.59 5.65 -9.20
N PHE A 353 -9.57 4.92 -9.60
CA PHE A 353 -9.77 3.68 -10.35
C PHE A 353 -10.62 3.93 -11.62
N GLU A 354 -10.31 5.04 -12.30
CA GLU A 354 -10.91 5.43 -13.58
C GLU A 354 -12.35 5.92 -13.45
N GLN A 355 -12.71 6.44 -12.28
CA GLN A 355 -14.02 7.04 -12.02
C GLN A 355 -13.95 8.57 -11.89
N ALA A 356 -12.77 9.15 -12.01
CA ALA A 356 -12.57 10.58 -11.81
C ALA A 356 -12.82 11.32 -13.12
N GLU A 357 -14.09 11.59 -13.36
CA GLU A 357 -14.50 12.18 -14.63
C GLU A 357 -14.08 13.65 -14.79
N GLY A 358 -13.34 13.93 -15.85
CA GLY A 358 -12.95 15.29 -16.22
C GLY A 358 -11.64 15.81 -15.62
N PHE A 359 -10.92 14.97 -14.89
CA PHE A 359 -9.63 15.36 -14.35
C PHE A 359 -8.73 15.75 -15.54
N PRO A 360 -7.91 16.80 -15.37
CA PRO A 360 -7.01 17.25 -16.45
C PRO A 360 -5.82 16.31 -16.72
N THR A 361 -6.13 15.12 -17.23
CA THR A 361 -5.16 14.06 -17.43
C THR A 361 -4.14 14.40 -18.51
N ASN A 362 -4.62 14.89 -19.65
CA ASN A 362 -3.70 15.22 -20.75
C ASN A 362 -2.78 16.37 -20.40
N GLN A 363 -3.26 17.29 -19.56
CA GLN A 363 -2.44 18.39 -19.04
C GLN A 363 -1.35 17.88 -18.11
N GLN A 364 -1.72 16.98 -17.21
CA GLN A 364 -0.76 16.39 -16.27
C GLN A 364 0.21 15.46 -16.99
N ASN A 365 -0.29 14.72 -17.99
CA ASN A 365 0.50 13.72 -18.71
C ASN A 365 1.12 12.61 -17.83
N TRP A 366 0.51 12.38 -16.67
CA TRP A 366 0.80 11.21 -15.85
C TRP A 366 -0.39 10.94 -14.93
N THR A 367 -0.50 9.71 -14.46
CA THR A 367 -1.60 9.31 -13.60
C THR A 367 -1.13 8.26 -12.62
N GLY A 368 -1.27 8.53 -11.33
CA GLY A 368 -0.90 7.61 -10.27
C GLY A 368 0.55 7.59 -9.84
N THR A 369 0.78 6.93 -8.70
CA THR A 369 2.09 6.69 -8.15
C THR A 369 2.05 5.42 -7.30
N LEU A 370 3.21 4.87 -6.98
CA LEU A 370 3.31 3.94 -5.87
C LEU A 370 3.61 4.74 -4.62
N LEU A 371 3.25 4.19 -3.48
CA LEU A 371 3.60 4.78 -2.19
C LEU A 371 5.03 4.41 -1.84
N LEU A 372 5.55 5.05 -0.80
CA LEU A 372 6.89 4.75 -0.32
C LEU A 372 7.03 3.25 -0.01
N PRO A 373 8.18 2.65 -0.33
CA PRO A 373 8.36 1.26 0.08
C PRO A 373 8.16 1.11 1.58
N ARG A 374 7.47 0.05 2.00
CA ARG A 374 7.21 -0.16 3.42
C ARG A 374 7.79 -1.50 3.90
N GLU A 375 8.48 -1.47 5.04
CA GLU A 375 8.92 -2.70 5.72
C GLU A 375 7.77 -3.23 6.53
N LEU A 376 7.48 -4.53 6.38
CA LEU A 376 6.48 -5.17 7.21
C LEU A 376 7.19 -6.06 8.22
N ARG A 377 6.68 -6.06 9.45
CA ARG A 377 7.21 -6.93 10.51
C ARG A 377 6.16 -7.16 11.58
N VAL A 378 6.39 -8.14 12.46
CA VAL A 378 5.51 -8.35 13.61
C VAL A 378 5.84 -7.26 14.64
N LEU A 379 4.82 -6.50 15.04
CA LEU A 379 5.01 -5.44 16.02
C LEU A 379 4.37 -5.85 17.35
N TYR A 380 5.10 -5.66 18.44
CA TYR A 380 4.57 -5.93 19.78
C TYR A 380 4.31 -4.62 20.53
N ILE A 381 3.17 -4.56 21.22
CA ILE A 381 2.84 -3.40 22.03
C ILE A 381 2.80 -3.82 23.51
N PRO A 382 3.87 -3.55 24.26
CA PRO A 382 3.94 -3.96 25.67
C PRO A 382 3.19 -3.05 26.64
N ASN A 383 2.92 -3.57 27.84
CA ASN A 383 2.38 -2.80 28.97
C ASN A 383 1.02 -2.15 28.71
N VAL A 384 0.17 -2.86 27.99
CA VAL A 384 -1.16 -2.35 27.69
C VAL A 384 -2.07 -2.76 28.82
N VAL A 385 -2.97 -1.86 29.21
CA VAL A 385 -3.89 -2.15 30.30
C VAL A 385 -4.89 -3.21 29.83
N ASP A 386 -4.97 -4.30 30.58
CA ASP A 386 -5.86 -5.38 30.27
C ASP A 386 -7.32 -4.98 30.53
N ASN A 387 -7.94 -4.38 29.52
CA ASN A 387 -9.33 -3.95 29.59
C ASN A 387 -10.06 -4.24 28.27
N ALA A 388 -11.29 -3.76 28.15
CA ALA A 388 -12.12 -4.01 26.98
C ALA A 388 -11.53 -3.44 25.67
N LEU A 389 -10.88 -2.29 25.75
CA LEU A 389 -10.18 -1.72 24.60
C LEU A 389 -9.14 -2.70 24.05
N ALA A 390 -8.33 -3.26 24.92
CA ALA A 390 -7.28 -4.20 24.52
C ALA A 390 -7.81 -5.57 24.12
N ARG A 391 -8.89 -6.00 24.76
CA ARG A 391 -9.37 -7.38 24.60
C ARG A 391 -10.38 -7.56 23.46
N GLU A 392 -10.72 -6.50 22.74
CA GLU A 392 -11.72 -6.61 21.67
C GLU A 392 -11.31 -7.70 20.68
N SER A 393 -12.28 -8.50 20.28
CA SER A 393 -12.06 -9.57 19.31
C SER A 393 -12.44 -9.07 17.90
N GLY A 394 -11.99 -9.78 16.88
CA GLY A 394 -12.24 -9.38 15.50
C GLY A 394 -11.66 -8.02 15.17
N ALA A 395 -10.46 -7.74 15.69
CA ALA A 395 -9.79 -6.47 15.46
C ALA A 395 -8.45 -6.72 14.74
N SER A 396 -7.59 -5.70 14.75
CA SER A 396 -6.32 -5.77 14.03
C SER A 396 -5.13 -5.99 14.94
N TRP A 397 -5.39 -6.57 16.11
CA TRP A 397 -4.37 -6.94 17.07
C TRP A 397 -4.88 -8.13 17.90
N GLN A 398 -3.98 -8.82 18.60
CA GLN A 398 -4.40 -9.86 19.53
C GLN A 398 -3.45 -9.92 20.74
N VAL A 399 -4.00 -10.32 21.90
CA VAL A 399 -3.22 -10.47 23.12
C VAL A 399 -2.35 -11.68 22.95
N VAL A 400 -1.05 -11.56 23.18
CA VAL A 400 -0.17 -12.72 23.10
C VAL A 400 0.34 -13.18 24.46
N SER A 401 0.23 -12.32 25.49
CA SER A 401 0.57 -12.70 26.88
C SER A 401 -0.09 -11.77 27.90
N SER A 402 0.01 -12.17 29.17
CA SER A 402 -0.70 -11.53 30.29
C SER A 402 0.23 -11.35 31.47
N ASP A 403 0.08 -10.23 32.17
CA ASP A 403 0.68 -10.08 33.49
C ASP A 403 -0.42 -9.67 34.48
N GLY A 404 -0.92 -10.65 35.24
CA GLY A 404 -2.00 -10.45 36.21
C GLY A 404 -1.67 -9.48 37.33
N SER A 405 -0.44 -9.53 37.83
CA SER A 405 -0.01 -8.63 38.90
C SER A 405 0.13 -7.19 38.41
N ALA A 406 0.71 -7.00 37.22
CA ALA A 406 0.82 -5.66 36.62
C ALA A 406 -0.52 -5.14 36.08
N GLY A 407 -1.46 -6.04 35.82
CA GLY A 407 -2.76 -5.67 35.28
C GLY A 407 -2.71 -5.39 33.78
N THR A 408 -1.72 -5.96 33.10
CA THR A 408 -1.43 -5.63 31.69
C THR A 408 -1.48 -6.83 30.72
N VAL A 409 -1.43 -6.50 29.43
CA VAL A 409 -1.26 -7.49 28.37
C VAL A 409 -0.20 -7.01 27.38
N GLU A 410 0.41 -7.94 26.66
CA GLU A 410 1.23 -7.59 25.51
C GLU A 410 0.41 -7.87 24.24
N LEU A 411 0.25 -6.85 23.40
CA LEU A 411 -0.45 -7.00 22.13
C LEU A 411 0.51 -7.29 20.98
N GLN A 412 -0.02 -7.97 19.96
CA GLN A 412 0.67 -8.25 18.71
C GLN A 412 -0.10 -7.66 17.53
N THR A 413 0.61 -7.10 16.57
CA THR A 413 -0.03 -6.60 15.36
C THR A 413 1.00 -6.53 14.23
N LEU A 414 0.55 -6.08 13.05
CA LEU A 414 1.45 -5.88 11.93
C LEU A 414 2.09 -4.52 12.03
N GLY A 415 3.42 -4.52 12.05
CA GLY A 415 4.21 -3.30 11.97
C GLY A 415 4.35 -2.86 10.52
N ILE A 416 4.06 -1.58 10.28
CA ILE A 416 4.14 -0.93 8.97
C ILE A 416 4.97 0.34 9.15
N SER A 417 6.12 0.40 8.49
CA SER A 417 6.95 1.60 8.54
C SER A 417 7.63 1.87 7.20
N ILE A 418 8.11 3.09 7.02
CA ILE A 418 8.78 3.48 5.82
C ILE A 418 10.08 2.69 5.78
N ALA A 419 10.45 2.13 4.65
CA ALA A 419 11.67 1.35 4.60
C ALA A 419 12.86 2.23 5.02
N ARG A 420 13.78 1.64 5.78
CA ARG A 420 14.75 2.45 6.54
C ARG A 420 15.63 3.38 5.71
N GLU A 421 16.09 2.92 4.54
CA GLU A 421 16.94 3.74 3.70
C GLU A 421 16.14 4.89 3.07
N THR A 422 14.89 4.62 2.69
CA THR A 422 14.03 5.66 2.14
C THR A 422 13.73 6.72 3.21
N LYS A 423 13.47 6.29 4.44
CA LYS A 423 13.22 7.21 5.55
C LYS A 423 14.39 8.16 5.79
N ALA A 424 15.61 7.61 5.83
CA ALA A 424 16.81 8.44 6.03
C ALA A 424 16.95 9.43 4.89
N ALA A 425 16.70 9.00 3.66
CA ALA A 425 16.79 9.89 2.52
C ALA A 425 15.70 11.01 2.55
N LEU A 426 14.49 10.68 3.00
CA LEU A 426 13.41 11.66 3.14
C LEU A 426 13.78 12.74 4.13
N LEU A 427 14.54 12.34 5.16
CA LEU A 427 14.97 13.26 6.21
C LEU A 427 16.30 13.94 5.92
N SER A 428 16.80 13.83 4.69
CA SER A 428 18.14 14.33 4.40
C SER A 428 18.17 15.83 4.09
N GLY A 429 17.02 16.49 4.07
CA GLY A 429 17.00 17.92 3.82
C GLY A 429 17.47 18.70 5.04
N THR A 430 16.95 19.91 5.19
CA THR A 430 17.29 20.71 6.34
C THR A 430 16.11 20.67 7.30
N SER A 431 16.43 20.60 8.59
CA SER A 431 15.47 20.34 9.64
C SER A 431 15.29 21.56 10.53
N PHE A 432 14.08 21.77 11.04
CA PHE A 432 13.84 22.72 12.14
C PHE A 432 12.72 22.22 13.02
N THR A 433 12.68 22.70 14.26
CA THR A 433 11.75 22.21 15.23
C THR A 433 10.86 23.34 15.70
N GLU A 434 9.60 23.02 15.93
CA GLU A 434 8.64 23.93 16.51
C GLU A 434 8.51 23.47 17.95
N SER A 435 8.40 24.41 18.87
CA SER A 435 8.27 24.10 20.29
C SER A 435 6.97 23.36 20.62
N GLY A 436 7.06 22.40 21.53
CA GLY A 436 5.88 21.73 22.04
C GLY A 436 4.99 22.69 22.82
N ARG A 437 3.73 22.30 23.02
CA ARG A 437 2.74 23.15 23.69
C ARG A 437 1.45 22.40 23.97
N THR A 438 0.69 22.90 24.92
CA THR A 438 -0.61 22.35 25.23
C THR A 438 -1.65 23.30 24.67
N LEU A 439 -2.67 22.76 24.03
CA LEU A 439 -3.79 23.53 23.53
C LEU A 439 -5.08 23.04 24.17
N ASN A 440 -5.90 23.99 24.62
CA ASN A 440 -7.16 23.73 25.29
C ASN A 440 -8.35 24.37 24.60
N SER A 441 -8.15 25.56 24.05
CA SER A 441 -9.20 26.27 23.32
C SER A 441 -9.17 25.95 21.84
N SER A 442 -10.23 26.35 21.16
CA SER A 442 -10.47 26.03 19.77
C SER A 442 -9.69 26.96 18.86
N GLY A 443 -9.11 26.42 17.79
CA GLY A 443 -8.50 27.23 16.73
C GLY A 443 -7.26 26.63 16.09
N VAL A 444 -6.77 27.33 15.07
CA VAL A 444 -5.50 26.99 14.44
C VAL A 444 -4.41 27.98 14.89
N VAL A 445 -3.32 27.42 15.42
CA VAL A 445 -2.19 28.21 15.92
C VAL A 445 -1.00 28.05 14.96
N PRO A 446 -0.67 29.10 14.18
CA PRO A 446 0.43 29.01 13.21
C PRO A 446 1.73 28.53 13.83
N PHE A 447 2.51 27.76 13.07
CA PHE A 447 3.87 27.46 13.48
C PHE A 447 4.64 28.78 13.41
N LYS A 448 5.66 28.91 14.25
CA LYS A 448 6.58 30.03 14.20
C LYS A 448 7.27 30.04 12.83
N ARG A 449 7.62 28.86 12.36
CA ARG A 449 8.21 28.70 11.04
C ARG A 449 7.57 27.50 10.30
N SER A 450 7.29 27.71 9.02
CA SER A 450 6.70 26.69 8.15
C SER A 450 7.66 26.45 7.00
N PRO A 451 7.58 25.25 6.36
CA PRO A 451 8.40 25.02 5.17
C PRO A 451 8.03 25.98 4.05
N SER A 452 8.97 26.27 3.16
CA SER A 452 8.69 27.16 2.03
C SER A 452 8.39 26.38 0.76
N GLU A 453 8.42 25.05 0.81
CA GLU A 453 8.01 24.20 -0.32
C GLU A 453 7.16 23.02 0.12
N LYS A 454 6.51 22.38 -0.85
CA LYS A 454 5.52 21.35 -0.58
C LYS A 454 6.16 19.94 -0.56
N PHE A 455 7.32 19.86 0.06
CA PHE A 455 8.13 18.67 0.09
C PHE A 455 8.73 18.60 1.49
N PHE A 456 8.10 17.82 2.39
CA PHE A 456 8.57 17.76 3.77
C PHE A 456 8.09 16.55 4.54
N VAL A 457 8.77 16.29 5.65
CA VAL A 457 8.32 15.36 6.65
C VAL A 457 8.05 16.15 7.93
N LEU A 458 6.88 15.96 8.51
CA LEU A 458 6.54 16.52 9.81
C LEU A 458 6.36 15.35 10.78
N SER A 459 7.08 15.37 11.89
CA SER A 459 6.94 14.34 12.95
C SER A 459 6.51 14.99 14.27
N ALA A 460 5.62 14.35 15.00
CA ALA A 460 5.13 14.91 16.25
C ALA A 460 4.44 13.84 17.05
N GLN A 461 4.49 14.00 18.37
CA GLN A 461 3.68 13.20 19.29
C GLN A 461 2.57 14.02 19.95
N LEU A 462 1.39 13.43 20.03
CA LEU A 462 0.25 14.05 20.68
C LEU A 462 -0.16 13.20 21.89
N SER A 463 -0.18 13.83 23.06
CA SER A 463 -0.53 13.18 24.32
C SER A 463 -1.86 13.72 24.80
N PHE A 464 -2.76 12.81 25.14
CA PHE A 464 -4.12 13.18 25.51
C PHE A 464 -4.38 12.83 26.97
N PRO A 465 -5.18 13.66 27.66
CA PRO A 465 -5.59 13.37 29.03
C PRO A 465 -6.73 12.35 29.08
N ALA A 466 -6.92 11.76 30.25
CA ALA A 466 -7.88 10.65 30.43
C ALA A 466 -9.28 10.93 29.88
N SER A 467 -9.72 12.18 30.01
CA SER A 467 -11.05 12.60 29.59
C SER A 467 -11.25 12.74 28.08
N ALA A 468 -10.18 12.65 27.31
CA ALA A 468 -10.29 12.68 25.83
C ALA A 468 -11.05 11.45 25.33
N ARG A 469 -10.83 10.32 25.99
CA ARG A 469 -11.50 9.05 25.68
C ARG A 469 -13.01 9.25 25.51
N GLY A 470 -13.55 8.83 24.38
CA GLY A 470 -14.98 8.99 24.11
C GLY A 470 -15.49 10.41 23.96
N SER A 471 -14.59 11.40 23.92
CA SER A 471 -14.99 12.81 23.85
C SER A 471 -15.14 13.25 22.41
N GLY A 472 -15.51 14.52 22.22
CA GLY A 472 -15.61 15.13 20.91
C GLY A 472 -14.34 15.84 20.46
N LEU A 473 -13.22 15.47 21.07
CA LEU A 473 -11.92 16.02 20.71
C LEU A 473 -11.53 15.77 19.25
N LYS A 474 -10.97 16.80 18.61
CA LYS A 474 -10.26 16.69 17.33
C LYS A 474 -8.95 17.48 17.47
N SER A 475 -7.82 16.81 17.25
CA SER A 475 -6.51 17.45 17.33
C SER A 475 -5.55 16.93 16.26
N GLY A 476 -4.78 17.84 15.68
CA GLY A 476 -3.78 17.49 14.69
C GLY A 476 -3.08 18.71 14.13
N PHE A 477 -2.92 18.73 12.81
CA PHE A 477 -2.20 19.79 12.13
C PHE A 477 -2.96 20.22 10.90
N GLN A 478 -2.84 21.51 10.60
CA GLN A 478 -3.27 22.06 9.35
C GLN A 478 -2.00 22.28 8.51
N ILE A 479 -2.03 21.81 7.27
CA ILE A 479 -0.87 21.89 6.38
C ILE A 479 -1.27 22.44 5.02
N LEU A 480 -0.27 22.72 4.21
CA LEU A 480 -0.47 23.25 2.88
C LEU A 480 -1.46 24.43 2.88
N SER A 481 -1.24 25.35 3.82
CA SER A 481 -2.18 26.44 4.14
C SER A 481 -1.75 27.79 3.63
N SER A 482 -2.75 28.57 3.25
CA SER A 482 -2.61 29.97 2.87
C SER A 482 -4.01 30.54 3.02
N GLU A 483 -4.22 31.77 2.57
CA GLU A 483 -5.57 32.33 2.59
C GLU A 483 -6.53 31.60 1.63
N HIS A 484 -6.00 30.90 0.63
CA HIS A 484 -6.83 30.25 -0.40
C HIS A 484 -7.12 28.75 -0.13
N GLU A 485 -6.24 28.10 0.62
CA GLU A 485 -6.27 26.64 0.72
C GLU A 485 -5.79 26.17 2.08
N SER A 486 -6.18 24.94 2.44
CA SER A 486 -5.67 24.26 3.62
C SER A 486 -6.11 22.79 3.63
N THR A 487 -5.32 21.98 4.31
CA THR A 487 -5.62 20.58 4.51
C THR A 487 -5.45 20.29 5.99
N THR A 488 -6.41 19.60 6.61
CA THR A 488 -6.33 19.32 8.03
C THR A 488 -6.28 17.82 8.28
N VAL A 489 -5.30 17.41 9.08
CA VAL A 489 -5.10 16.02 9.46
C VAL A 489 -5.27 15.95 10.97
N TYR A 490 -6.21 15.14 11.46
CA TYR A 490 -6.46 15.12 12.90
C TYR A 490 -6.91 13.77 13.45
N TYR A 491 -6.65 13.55 14.73
CA TYR A 491 -7.21 12.42 15.45
C TYR A 491 -8.53 12.82 16.14
N GLN A 492 -9.47 11.90 16.11
CA GLN A 492 -10.82 12.10 16.58
C GLN A 492 -11.20 10.89 17.42
N PHE A 493 -11.46 11.10 18.71
CA PHE A 493 -11.79 10.02 19.63
C PHE A 493 -13.19 9.45 19.45
N SER A 494 -14.15 10.27 19.02
CA SER A 494 -15.54 9.80 18.90
C SER A 494 -15.67 8.50 18.10
N ASN A 495 -14.88 8.37 17.05
CA ASN A 495 -14.84 7.14 16.28
C ASN A 495 -13.42 6.61 16.07
N GLU A 496 -12.52 6.98 16.99
CA GLU A 496 -11.15 6.46 16.98
C GLU A 496 -10.55 6.44 15.57
N SER A 497 -10.55 7.61 14.91
CA SER A 497 -10.07 7.72 13.52
C SER A 497 -9.10 8.88 13.34
N ILE A 498 -8.16 8.67 12.42
CA ILE A 498 -7.39 9.74 11.82
C ILE A 498 -8.16 10.17 10.58
N ILE A 499 -8.38 11.47 10.45
CA ILE A 499 -9.10 12.06 9.34
C ILE A 499 -8.21 13.01 8.54
N VAL A 500 -8.30 12.96 7.22
CA VAL A 500 -7.73 14.01 6.39
C VAL A 500 -8.89 14.76 5.74
N ASP A 501 -9.10 16.01 6.18
CA ASP A 501 -10.14 16.88 5.62
C ASP A 501 -9.59 17.61 4.39
N ARG A 502 -10.17 17.33 3.23
CA ARG A 502 -9.67 17.93 2.01
C ARG A 502 -10.64 18.94 1.40
N SER A 503 -11.66 19.32 2.16
CA SER A 503 -12.69 20.24 1.67
C SER A 503 -12.10 21.54 1.13
N ASN A 504 -11.00 22.01 1.73
CA ASN A 504 -10.37 23.28 1.34
C ASN A 504 -8.98 23.11 0.72
N THR A 505 -8.60 21.87 0.36
CA THR A 505 -7.22 21.55 -0.07
C THR A 505 -6.81 22.24 -1.36
N SER A 506 -7.70 22.21 -2.36
CA SER A 506 -7.38 22.59 -3.74
C SER A 506 -8.30 23.64 -4.33
N ALA A 507 -7.76 24.84 -4.58
CA ALA A 507 -8.46 25.88 -5.32
C ALA A 507 -8.78 25.46 -6.75
N ALA A 508 -8.01 24.54 -7.31
CA ALA A 508 -8.30 23.99 -8.63
C ALA A 508 -9.59 23.16 -8.68
N ALA A 509 -9.95 22.52 -7.56
CA ALA A 509 -11.22 21.79 -7.45
C ALA A 509 -12.43 22.69 -7.61
N ARG A 510 -12.28 23.98 -7.36
CA ARG A 510 -13.37 24.94 -7.54
C ARG A 510 -13.59 25.35 -9.00
N THR A 511 -12.62 25.10 -9.87
CA THR A 511 -12.65 25.55 -11.26
C THR A 511 -12.56 24.42 -12.27
N THR A 512 -12.29 23.20 -11.79
CA THR A 512 -12.05 22.06 -12.65
C THR A 512 -12.78 20.82 -12.11
N ASP A 513 -13.29 20.00 -13.03
CA ASP A 513 -13.89 18.71 -12.68
C ASP A 513 -12.85 17.65 -12.32
N GLY A 514 -13.29 16.66 -11.55
CA GLY A 514 -12.51 15.43 -11.37
C GLY A 514 -11.42 15.53 -10.33
N ILE A 515 -11.50 16.56 -9.48
CA ILE A 515 -10.51 16.77 -8.45
C ILE A 515 -11.21 16.53 -7.12
N ASP A 516 -11.13 15.28 -6.70
CA ASP A 516 -11.79 14.77 -5.51
C ASP A 516 -11.36 15.58 -4.28
N SER A 517 -12.34 15.98 -3.46
CA SER A 517 -12.08 16.69 -2.21
C SER A 517 -12.76 16.00 -1.00
N SER A 518 -13.17 14.74 -1.19
CA SER A 518 -13.83 13.99 -0.11
C SER A 518 -12.84 13.64 1.02
N ALA A 519 -13.38 13.51 2.22
CA ALA A 519 -12.59 13.19 3.39
C ALA A 519 -11.98 11.79 3.28
N GLU A 520 -10.82 11.60 3.89
CA GLU A 520 -10.19 10.29 3.99
C GLU A 520 -10.13 9.97 5.46
N ALA A 521 -10.19 8.68 5.81
CA ALA A 521 -10.23 8.30 7.23
C ALA A 521 -9.68 6.91 7.40
N GLY A 522 -9.02 6.68 8.54
CA GLY A 522 -8.65 5.35 8.97
C GLY A 522 -8.83 5.17 10.47
N LYS A 523 -9.22 3.96 10.88
CA LYS A 523 -9.37 3.64 12.29
C LYS A 523 -8.02 3.46 12.95
N LEU A 524 -7.86 4.05 14.13
CA LEU A 524 -6.69 3.83 14.95
C LEU A 524 -7.08 3.91 16.44
N ARG A 525 -6.85 2.82 17.17
CA ARG A 525 -7.08 2.77 18.62
C ARG A 525 -5.81 3.15 19.34
N LEU A 526 -5.91 4.14 20.23
CA LEU A 526 -4.84 4.42 21.18
C LEU A 526 -5.21 3.73 22.49
N PHE A 527 -4.40 2.76 22.90
CA PHE A 527 -4.74 1.93 24.06
C PHE A 527 -4.46 2.65 25.37
N ASP A 528 -4.95 2.08 26.46
CA ASP A 528 -4.52 2.50 27.80
C ASP A 528 -3.27 1.74 28.08
N VAL A 529 -2.20 2.45 28.45
CA VAL A 529 -0.90 1.85 28.73
C VAL A 529 -0.38 2.24 30.13
N LEU A 530 0.48 1.37 30.67
CA LEU A 530 1.10 1.55 31.98
C LEU A 530 2.58 1.82 31.77
N ASN A 531 3.05 2.96 32.25
CA ASN A 531 4.47 3.29 32.13
C ASN A 531 4.98 3.82 33.44
N GLY A 532 5.80 3.02 34.11
CA GLY A 532 6.28 3.35 35.45
C GLY A 532 5.16 3.72 36.38
N GLY A 533 4.23 2.79 36.60
CA GLY A 533 3.20 2.93 37.63
C GLY A 533 1.95 3.73 37.28
N GLU A 534 2.03 4.61 36.28
CA GLU A 534 0.88 5.44 35.92
C GLU A 534 0.23 5.04 34.60
N GLN A 535 -1.10 4.99 34.62
CA GLN A 535 -1.90 4.67 33.44
C GLN A 535 -2.20 5.93 32.62
N ALA A 536 -1.99 5.85 31.31
CA ALA A 536 -2.28 6.95 30.39
C ALA A 536 -2.80 6.42 29.05
N ILE A 537 -3.53 7.27 28.35
CA ILE A 537 -3.83 7.02 26.95
C ILE A 537 -2.51 6.99 26.18
N GLU A 538 -2.28 5.92 25.44
CA GLU A 538 -1.14 5.80 24.52
C GLU A 538 -0.88 7.07 23.69
N THR A 539 0.38 7.46 23.60
CA THR A 539 0.80 8.60 22.79
C THR A 539 0.57 8.35 21.28
N LEU A 540 0.06 9.37 20.59
CA LEU A 540 -0.09 9.36 19.12
C LEU A 540 1.21 9.84 18.51
N ASP A 541 1.93 8.91 17.89
CA ASP A 541 3.21 9.17 17.25
C ASP A 541 3.02 9.27 15.74
N LEU A 542 3.09 10.50 15.23
CA LEU A 542 2.63 10.84 13.88
C LEU A 542 3.81 11.16 12.96
N THR A 543 3.81 10.60 11.76
CA THR A 543 4.72 11.04 10.70
C THR A 543 3.92 11.39 9.44
N LEU A 544 4.02 12.63 9.00
CA LEU A 544 3.39 13.09 7.78
C LEU A 544 4.47 13.27 6.74
N VAL A 545 4.35 12.58 5.61
CA VAL A 545 5.24 12.83 4.46
C VAL A 545 4.39 13.48 3.36
N VAL A 546 4.75 14.71 3.00
CA VAL A 546 4.11 15.42 1.91
C VAL A 546 5.13 15.49 0.77
N ASP A 547 4.80 14.86 -0.35
CA ASP A 547 5.65 14.90 -1.54
C ASP A 547 4.82 15.49 -2.66
N ASN A 548 4.76 16.82 -2.61
CA ASN A 548 4.00 17.67 -3.53
C ASN A 548 2.49 17.44 -3.39
N SER A 549 1.90 16.50 -4.13
CA SER A 549 0.48 16.16 -3.96
C SER A 549 0.27 14.84 -3.22
N VAL A 550 1.34 14.09 -2.99
CA VAL A 550 1.20 12.79 -2.34
C VAL A 550 1.38 12.93 -0.84
N LEU A 551 0.30 12.66 -0.09
CA LEU A 551 0.33 12.69 1.37
C LEU A 551 0.27 11.27 1.93
N GLU A 552 1.24 10.92 2.77
CA GLU A 552 1.22 9.66 3.52
C GLU A 552 1.26 9.96 5.02
N VAL A 553 0.27 9.47 5.75
CA VAL A 553 0.17 9.64 7.18
C VAL A 553 0.43 8.29 7.87
N TYR A 554 1.52 8.23 8.63
CA TYR A 554 1.88 7.09 9.45
C TYR A 554 1.62 7.38 10.93
N ALA A 555 1.26 6.35 11.69
CA ALA A 555 1.10 6.48 13.15
C ALA A 555 1.44 5.20 13.89
N ASN A 556 2.29 5.33 14.92
CA ASN A 556 2.48 4.30 15.94
C ASN A 556 3.04 2.99 15.40
N GLY A 557 3.76 3.07 14.27
CA GLY A 557 4.35 1.89 13.63
C GLY A 557 3.37 0.86 13.11
N ARG A 558 2.09 1.21 13.05
CA ARG A 558 1.08 0.23 12.70
C ARG A 558 -0.08 0.80 11.89
N PHE A 559 0.09 1.98 11.33
CA PHE A 559 -1.02 2.63 10.66
C PHE A 559 -0.50 3.46 9.51
N ALA A 560 -1.19 3.40 8.38
CA ALA A 560 -0.91 4.29 7.27
C ALA A 560 -2.19 4.65 6.52
N LEU A 561 -2.28 5.93 6.17
CA LEU A 561 -3.39 6.49 5.40
C LEU A 561 -2.80 7.47 4.38
N SER A 562 -3.08 7.24 3.09
CA SER A 562 -2.46 7.99 2.02
C SER A 562 -3.48 8.53 1.04
N THR A 563 -3.22 9.71 0.50
CA THR A 563 -4.18 10.39 -0.36
C THR A 563 -3.50 11.46 -1.21
N TRP A 564 -4.29 12.08 -2.09
CA TRP A 564 -3.86 13.17 -2.96
C TRP A 564 -4.26 14.49 -2.34
N VAL A 565 -3.30 15.41 -2.27
CA VAL A 565 -3.52 16.78 -1.78
C VAL A 565 -3.02 17.77 -2.85
N ARG A 566 -3.92 18.10 -3.76
CA ARG A 566 -3.54 18.76 -4.99
C ARG A 566 -3.72 20.27 -4.83
N SER A 567 -2.91 20.88 -3.96
CA SER A 567 -2.97 22.33 -3.74
C SER A 567 -2.33 23.06 -4.92
N TRP A 568 -2.86 24.25 -5.19
CA TRP A 568 -2.47 25.05 -6.35
C TRP A 568 -1.48 26.17 -6.04
N TYR A 569 -1.78 27.00 -5.05
CA TYR A 569 -1.02 28.24 -4.82
C TYR A 569 0.38 27.94 -4.24
N ALA A 570 1.39 28.62 -4.78
CA ALA A 570 2.79 28.48 -4.34
C ALA A 570 2.89 28.77 -2.85
N ASN A 571 2.05 29.69 -2.45
CA ASN A 571 1.82 30.15 -1.10
C ASN A 571 1.34 29.14 -0.08
N SER A 572 0.71 28.06 -0.54
CA SER A 572 0.00 27.16 0.37
C SER A 572 0.96 26.15 0.98
N THR A 573 1.77 26.64 1.92
CA THR A 573 2.84 25.85 2.52
C THR A 573 2.91 25.95 4.04
N ASN A 574 2.00 26.71 4.65
CA ASN A 574 2.06 26.98 6.06
C ASN A 574 1.55 25.80 6.86
N ILE A 575 2.05 25.66 8.07
CA ILE A 575 1.63 24.62 8.97
C ILE A 575 1.16 25.26 10.27
N SER A 576 0.09 24.73 10.85
CA SER A 576 -0.44 25.20 12.12
C SER A 576 -0.86 24.03 12.98
N PHE A 577 -0.83 24.22 14.29
CA PHE A 577 -1.46 23.29 15.22
C PHE A 577 -2.96 23.42 15.03
N PHE A 578 -3.67 22.33 15.24
CA PHE A 578 -5.12 22.35 15.17
C PHE A 578 -5.68 21.65 16.38
N HIS A 579 -6.70 22.26 16.98
CA HIS A 579 -7.40 21.68 18.12
C HIS A 579 -8.80 22.28 18.19
N ASN A 580 -9.82 21.47 18.41
CA ASN A 580 -11.20 21.99 18.38
C ASN A 580 -11.72 22.48 19.73
N GLY A 581 -10.86 22.49 20.75
CA GLY A 581 -11.23 23.02 22.05
C GLY A 581 -11.98 22.06 22.96
N VAL A 582 -12.32 20.87 22.47
CA VAL A 582 -12.97 19.87 23.32
C VAL A 582 -11.91 19.08 24.09
N GLY A 583 -11.61 19.56 25.29
CA GLY A 583 -10.58 18.99 26.13
C GLY A 583 -9.23 19.64 25.89
N GLY A 584 -8.19 19.00 26.40
CA GLY A 584 -6.82 19.43 26.19
C GLY A 584 -6.00 18.43 25.40
N VAL A 585 -4.94 18.91 24.78
CA VAL A 585 -4.00 18.06 24.06
C VAL A 585 -2.62 18.65 24.19
N ALA A 586 -1.64 17.80 24.48
CA ALA A 586 -0.25 18.22 24.59
C ALA A 586 0.53 17.75 23.37
N PHE A 587 1.02 18.70 22.59
CA PHE A 587 1.90 18.42 21.47
C PHE A 587 3.34 18.45 21.91
N SER A 588 4.10 17.41 21.58
CA SER A 588 5.54 17.43 21.72
C SER A 588 6.14 18.48 20.80
N LYS A 589 7.46 18.60 20.84
CA LYS A 589 8.18 19.32 19.79
C LYS A 589 7.90 18.64 18.43
N VAL A 590 7.63 19.48 17.44
CA VAL A 590 7.34 19.06 16.10
C VAL A 590 8.62 19.25 15.31
N THR A 591 9.05 18.20 14.62
CA THR A 591 10.20 18.28 13.74
C THR A 591 9.72 18.35 12.29
N VAL A 592 10.24 19.34 11.57
CA VAL A 592 9.94 19.49 10.16
C VAL A 592 11.24 19.36 9.39
N SER A 593 11.25 18.45 8.43
CA SER A 593 12.41 18.22 7.58
C SER A 593 11.96 18.53 6.16
N GLU A 594 12.68 19.41 5.49
CA GLU A 594 12.22 20.02 4.25
C GLU A 594 13.10 19.63 3.06
N GLY A 595 12.47 19.34 1.93
CA GLY A 595 13.17 19.05 0.68
C GLY A 595 13.07 17.62 0.19
N LEU A 596 12.95 16.66 1.12
CA LEU A 596 13.00 15.24 0.75
C LEU A 596 14.26 14.98 -0.08
N TYR A 597 14.15 14.20 -1.14
CA TYR A 597 15.29 13.92 -2.00
C TYR A 597 14.75 13.46 -3.33
N ASP A 598 15.66 13.33 -4.29
CA ASP A 598 15.30 12.94 -5.65
C ASP A 598 15.44 11.43 -5.81
N ALA A 599 14.31 10.74 -5.86
CA ALA A 599 14.32 9.27 -6.01
C ALA A 599 14.71 8.82 -7.42
N TRP A 600 14.72 9.76 -8.38
CA TRP A 600 15.06 9.46 -9.76
C TRP A 600 16.22 10.33 -10.27
N PRO A 601 17.42 10.11 -9.74
CA PRO A 601 18.55 11.02 -10.04
C PRO A 601 19.05 11.01 -11.48
N ASP A 602 18.77 9.97 -12.25
CA ASP A 602 19.19 9.92 -13.66
C ASP A 602 18.08 10.33 -14.63
N ARG A 603 16.95 10.81 -14.12
CA ARG A 603 15.93 11.52 -14.93
C ARG A 603 16.07 13.05 -14.72
N GLN A 604 15.69 13.83 -15.73
CA GLN A 604 15.60 15.31 -15.63
C GLN A 604 14.20 15.85 -15.20
N TYR A 605 13.16 15.02 -15.31
CA TYR A 605 11.77 15.43 -15.09
C TYR A 605 11.13 14.61 -13.96
#